data_4XT9
#
_entry.id   4XT9
#
_cell.length_a   62.000
_cell.length_b   62.000
_cell.length_c   154.700
_cell.angle_alpha   90.00
_cell.angle_beta   90.00
_cell.angle_gamma   90.00
#
_symmetry.space_group_name_H-M   'P 41 21 2'
#
loop_
_entity.id
_entity.type
_entity.pdbx_description
1 polymer 'Nuclear receptor ROR-gamma'
2 polymer LYS-ILE-LEU-HIS-ARG-LEU-LEU-GLN
3 non-polymer N-[4-(2,5-dichlorophenyl)-5-phenyl-1,3-thiazol-2-yl]-2-[4-(ethylsulfonyl)phenyl]acetamide
4 non-polymer 'SULFATE ION'
5 water water
#
loop_
_entity_poly.entity_id
_entity_poly.type
_entity_poly.pdbx_seq_one_letter_code
_entity_poly.pdbx_strand_id
1 'polypeptide(L)'
;ASLTEIEHLVQSVCKSYRETCQLRLEDLLRQRSNIFSREEVTGYQRKSMWEMWERCAHHLTEAIQYVVEFAKRLSGFMEL
CQNDQIVLLKAGAMEVVLVRMCRAYNADNRTVFFEGKYGGMELFRALGCSELISSIFDFSHSLSALHFSEDEIALYTALV
LINAHRPGLQEKRKVEQLQYNLELAFHHHLCKTHRQSILAKLPPKGKLRSLCSQHVERLQIFQHLHPIVVQAAFPPLYKE
LFS
;
A
2 'polypeptide(L)' KILHRLLQ B
#
# COMPACT_ATOMS: atom_id res chain seq x y z
N ALA A 1 27.74 6.01 0.95
CA ALA A 1 28.49 7.28 0.81
C ALA A 1 29.45 7.26 -0.39
N SER A 2 28.96 6.77 -1.52
CA SER A 2 29.70 6.77 -2.78
C SER A 2 28.70 6.41 -3.86
N LEU A 3 28.89 6.90 -5.07
CA LEU A 3 27.94 6.63 -6.14
C LEU A 3 27.70 5.13 -6.32
N THR A 4 28.78 4.35 -6.30
CA THR A 4 28.69 2.90 -6.46
C THR A 4 27.85 2.24 -5.36
N GLU A 5 28.05 2.68 -4.12
CA GLU A 5 27.26 2.19 -2.99
C GLU A 5 25.78 2.57 -3.12
N ILE A 6 25.50 3.80 -3.53
CA ILE A 6 24.13 4.29 -3.70
C ILE A 6 23.44 3.54 -4.83
N GLU A 7 24.14 3.41 -5.94
CA GLU A 7 23.65 2.66 -7.09
C GLU A 7 23.38 1.20 -6.73
N HIS A 8 24.21 0.63 -5.85
CA HIS A 8 23.97 -0.74 -5.38
C HIS A 8 22.67 -0.80 -4.57
N LEU A 9 22.41 0.22 -3.75
CA LEU A 9 21.18 0.30 -2.98
C LEU A 9 19.96 0.42 -3.89
N VAL A 10 20.08 1.20 -4.97
CA VAL A 10 18.98 1.36 -5.93
C VAL A 10 18.58 0.02 -6.53
N GLN A 11 19.56 -0.77 -6.97
CA GLN A 11 19.26 -2.06 -7.59
C GLN A 11 18.74 -3.07 -6.55
N SER A 12 19.29 -3.05 -5.35
CA SER A 12 18.83 -3.93 -4.28
C SER A 12 17.34 -3.67 -3.99
N VAL A 13 16.99 -2.41 -3.79
CA VAL A 13 15.61 -2.00 -3.52
C VAL A 13 14.67 -2.40 -4.64
N CYS A 14 15.08 -2.15 -5.88
CA CYS A 14 14.28 -2.50 -7.05
C CYS A 14 14.04 -4.00 -7.16
N LYS A 15 15.08 -4.77 -6.89
CA LYS A 15 14.99 -6.23 -6.88
C LYS A 15 14.03 -6.71 -5.81
N SER A 16 14.22 -6.23 -4.58
CA SER A 16 13.35 -6.57 -3.45
C SER A 16 11.89 -6.31 -3.78
N TYR A 17 11.64 -5.19 -4.45
CA TYR A 17 10.29 -4.83 -4.87
C TYR A 17 9.75 -5.79 -5.93
N ARG A 18 10.54 -6.06 -6.97
CA ARG A 18 10.12 -6.98 -8.03
C ARG A 18 9.70 -8.34 -7.48
N GLU A 19 10.46 -8.83 -6.50
CA GLU A 19 10.23 -10.15 -5.90
C GLU A 19 8.97 -10.23 -5.03
N THR A 20 8.41 -9.07 -4.68
CA THR A 20 7.30 -8.99 -3.73
C THR A 20 6.15 -8.11 -4.25
N CYS A 21 6.09 -7.88 -5.55
CA CYS A 21 5.13 -6.91 -6.11
C CYS A 21 3.70 -7.44 -6.25
N GLN A 22 3.48 -8.71 -5.86
CA GLN A 22 2.15 -9.35 -5.79
C GLN A 22 1.65 -9.78 -7.15
N LEU A 23 1.37 -8.82 -8.02
CA LEU A 23 1.04 -9.08 -9.41
C LEU A 23 1.96 -8.27 -10.30
N ARG A 24 2.45 -8.92 -11.37
CA ARG A 24 3.25 -8.23 -12.37
C ARG A 24 2.41 -7.14 -13.05
N LEU A 25 3.05 -6.03 -13.39
CA LEU A 25 2.37 -4.91 -14.02
C LEU A 25 1.69 -5.31 -15.33
N GLU A 26 2.39 -6.12 -16.13
CA GLU A 26 1.87 -6.55 -17.44
C GLU A 26 0.56 -7.30 -17.27
N ASP A 27 0.51 -8.18 -16.27
CA ASP A 27 -0.71 -8.94 -15.98
C ASP A 27 -1.87 -8.01 -15.68
N LEU A 28 -1.61 -6.95 -14.92
CA LEU A 28 -2.63 -5.98 -14.57
C LEU A 28 -3.05 -5.17 -15.80
N LEU A 29 -2.10 -4.81 -16.64
CA LEU A 29 -2.40 -4.07 -17.87
C LEU A 29 -3.18 -4.93 -18.87
N ARG A 30 -2.79 -6.20 -19.02
CA ARG A 30 -3.50 -7.12 -19.92
C ARG A 30 -4.99 -7.26 -19.62
N GLN A 31 -5.38 -7.04 -18.37
CA GLN A 31 -6.74 -7.27 -17.90
C GLN A 31 -7.66 -6.04 -17.97
N ARG A 32 -7.18 -4.93 -18.52
CA ARG A 32 -7.91 -3.66 -18.43
C ARG A 32 -9.23 -3.62 -19.21
N SER A 33 -9.35 -4.44 -20.24
CA SER A 33 -10.63 -4.60 -20.96
C SER A 33 -11.59 -5.55 -20.24
N ASN A 34 -11.08 -6.31 -19.28
CA ASN A 34 -11.90 -7.23 -18.49
C ASN A 34 -12.59 -6.46 -17.36
N ILE A 35 -13.77 -5.91 -17.68
CA ILE A 35 -14.49 -4.99 -16.83
C ILE A 35 -15.83 -5.60 -16.39
N PHE A 36 -16.16 -5.45 -15.11
CA PHE A 36 -17.44 -5.92 -14.59
C PHE A 36 -18.60 -5.34 -15.38
N SER A 37 -19.54 -6.19 -15.78
CA SER A 37 -20.74 -5.75 -16.49
C SER A 37 -21.71 -5.06 -15.52
N ARG A 38 -22.75 -4.44 -16.07
CA ARG A 38 -23.78 -3.80 -15.26
C ARG A 38 -24.43 -4.78 -14.27
N GLU A 39 -24.56 -6.04 -14.68
CA GLU A 39 -25.18 -7.08 -13.85
C GLU A 39 -24.30 -7.52 -12.69
N GLU A 40 -23.01 -7.67 -12.96
CA GLU A 40 -22.05 -7.99 -11.91
C GLU A 40 -21.93 -6.83 -10.92
N VAL A 41 -21.90 -5.60 -11.45
CA VAL A 41 -21.88 -4.41 -10.59
C VAL A 41 -23.08 -4.41 -9.65
N THR A 42 -24.28 -4.55 -10.23
CA THR A 42 -25.51 -4.65 -9.42
C THR A 42 -25.41 -5.78 -8.40
N GLY A 43 -24.82 -6.90 -8.80
CA GLY A 43 -24.57 -8.03 -7.89
C GLY A 43 -23.72 -7.65 -6.68
N TYR A 44 -22.66 -6.88 -6.91
CA TYR A 44 -21.85 -6.40 -5.79
C TYR A 44 -22.63 -5.49 -4.84
N GLN A 45 -23.45 -4.62 -5.41
CA GLN A 45 -24.24 -3.65 -4.63
C GLN A 45 -25.30 -4.33 -3.75
N ARG A 46 -25.84 -5.46 -4.22
CA ARG A 46 -26.83 -6.24 -3.47
C ARG A 46 -26.24 -7.06 -2.33
N LYS A 47 -24.93 -7.23 -2.29
CA LYS A 47 -24.30 -7.98 -1.21
C LYS A 47 -24.42 -7.21 0.09
N SER A 48 -24.45 -7.94 1.21
CA SER A 48 -24.54 -7.31 2.51
C SER A 48 -23.28 -6.48 2.79
N MET A 49 -23.46 -5.47 3.63
CA MET A 49 -22.35 -4.62 4.05
C MET A 49 -21.22 -5.47 4.63
N TRP A 50 -21.59 -6.43 5.48
CA TRP A 50 -20.60 -7.21 6.22
C TRP A 50 -19.86 -8.22 5.32
N GLU A 51 -20.54 -8.81 4.34
CA GLU A 51 -19.86 -9.67 3.38
C GLU A 51 -18.84 -8.89 2.57
N MET A 52 -19.23 -7.69 2.13
CA MET A 52 -18.34 -6.85 1.35
C MET A 52 -17.12 -6.39 2.18
N TRP A 53 -17.36 -5.99 3.43
CA TRP A 53 -16.28 -5.63 4.34
C TRP A 53 -15.28 -6.76 4.55
N GLU A 54 -15.82 -7.95 4.80
CA GLU A 54 -15.01 -9.16 4.95
C GLU A 54 -14.13 -9.42 3.71
N ARG A 55 -14.72 -9.32 2.53
CA ARG A 55 -13.97 -9.55 1.28
C ARG A 55 -12.87 -8.51 1.06
N CYS A 56 -13.19 -7.24 1.31
CA CYS A 56 -12.20 -6.18 1.19
C CYS A 56 -11.07 -6.36 2.20
N ALA A 57 -11.41 -6.75 3.42
CA ALA A 57 -10.40 -6.95 4.46
C ALA A 57 -9.48 -8.12 4.08
N HIS A 58 -10.06 -9.17 3.50
CA HIS A 58 -9.27 -10.32 3.03
C HIS A 58 -8.29 -9.91 1.95
N HIS A 59 -8.75 -9.16 0.97
CA HIS A 59 -7.89 -8.76 -0.13
C HIS A 59 -6.83 -7.75 0.31
N LEU A 60 -7.19 -6.88 1.25
CA LEU A 60 -6.21 -5.96 1.82
C LEU A 60 -5.11 -6.74 2.54
N THR A 61 -5.51 -7.81 3.24
CA THR A 61 -4.56 -8.60 4.03
C THR A 61 -3.57 -9.32 3.14
N GLU A 62 -4.06 -9.92 2.06
CA GLU A 62 -3.19 -10.52 1.05
C GLU A 62 -2.13 -9.53 0.56
N ALA A 63 -2.56 -8.30 0.26
CA ALA A 63 -1.67 -7.28 -0.27
C ALA A 63 -0.64 -6.88 0.77
N ILE A 64 -1.10 -6.69 2.01
CA ILE A 64 -0.23 -6.38 3.13
C ILE A 64 0.85 -7.45 3.34
N GLN A 65 0.48 -8.72 3.15
CA GLN A 65 1.43 -9.82 3.31
C GLN A 65 2.60 -9.70 2.35
N TYR A 66 2.33 -9.23 1.13
CA TYR A 66 3.43 -8.96 0.18
C TYR A 66 4.28 -7.78 0.65
N VAL A 67 3.65 -6.75 1.21
CA VAL A 67 4.41 -5.62 1.76
C VAL A 67 5.31 -6.04 2.93
N VAL A 68 4.81 -6.94 3.77
CA VAL A 68 5.61 -7.46 4.88
C VAL A 68 6.86 -8.17 4.35
N GLU A 69 6.68 -8.99 3.32
CA GLU A 69 7.81 -9.65 2.66
C GLU A 69 8.77 -8.65 2.00
N PHE A 70 8.22 -7.62 1.37
CA PHE A 70 9.04 -6.51 0.85
C PHE A 70 9.97 -5.96 1.93
N ALA A 71 9.38 -5.60 3.06
CA ALA A 71 10.15 -5.08 4.20
C ALA A 71 11.24 -6.06 4.65
N LYS A 72 10.90 -7.33 4.80
CA LYS A 72 11.89 -8.34 5.22
C LYS A 72 13.08 -8.42 4.27
N ARG A 73 12.82 -8.21 2.98
CA ARG A 73 13.88 -8.25 1.97
C ARG A 73 14.52 -6.90 1.73
N LEU A 74 13.98 -5.85 2.36
CA LEU A 74 14.49 -4.49 2.17
C LEU A 74 15.78 -4.29 2.97
N SER A 75 16.82 -3.87 2.27
CA SER A 75 18.16 -3.69 2.85
C SER A 75 18.12 -2.87 4.13
N GLY A 76 18.58 -3.45 5.24
CA GLY A 76 18.65 -2.74 6.51
C GLY A 76 17.44 -2.91 7.44
N PHE A 77 16.31 -3.36 6.91
CA PHE A 77 15.09 -3.47 7.71
C PHE A 77 15.26 -4.49 8.84
N MET A 78 15.74 -5.68 8.50
CA MET A 78 15.88 -6.77 9.46
C MET A 78 16.98 -6.54 10.50
N GLU A 79 17.87 -5.58 10.25
CA GLU A 79 18.90 -5.20 11.20
C GLU A 79 18.39 -4.24 12.27
N LEU A 80 17.25 -3.58 12.01
CA LEU A 80 16.55 -2.82 13.06
C LEU A 80 16.00 -3.81 14.09
N CYS A 81 15.77 -3.31 15.30
CA CYS A 81 15.22 -4.14 16.37
C CYS A 81 13.76 -4.47 16.08
N GLN A 82 13.27 -5.56 16.67
CA GLN A 82 11.93 -6.06 16.37
C GLN A 82 10.85 -5.04 16.69
N ASN A 83 11.02 -4.28 17.76
CA ASN A 83 10.06 -3.24 18.12
C ASN A 83 9.84 -2.28 16.95
N ASP A 84 10.96 -1.81 16.39
CA ASP A 84 10.95 -0.83 15.32
C ASP A 84 10.41 -1.39 13.99
N GLN A 85 10.75 -2.64 13.69
CA GLN A 85 10.18 -3.36 12.53
C GLN A 85 8.66 -3.34 12.59
N ILE A 86 8.13 -3.67 13.76
CA ILE A 86 6.68 -3.74 13.98
C ILE A 86 6.05 -2.35 13.90
N VAL A 87 6.70 -1.37 14.52
CA VAL A 87 6.24 0.01 14.46
C VAL A 87 6.14 0.50 13.03
N LEU A 88 7.19 0.27 12.25
CA LEU A 88 7.24 0.75 10.87
C LEU A 88 6.17 0.06 10.01
N LEU A 89 5.98 -1.24 10.23
CA LEU A 89 5.00 -2.01 9.46
C LEU A 89 3.56 -1.64 9.84
N LYS A 90 3.30 -1.53 11.14
CA LYS A 90 1.99 -1.12 11.63
C LYS A 90 1.56 0.23 11.06
N ALA A 91 2.49 1.17 11.01
CA ALA A 91 2.22 2.51 10.50
C ALA A 91 2.24 2.61 8.97
N GLY A 92 3.10 1.82 8.33
CA GLY A 92 3.42 2.02 6.91
C GLY A 92 2.87 1.00 5.94
N ALA A 93 2.54 -0.19 6.42
CA ALA A 93 2.11 -1.27 5.52
C ALA A 93 0.92 -0.84 4.67
N MET A 94 -0.07 -0.24 5.30
CA MET A 94 -1.27 0.22 4.60
C MET A 94 -0.96 1.34 3.59
N GLU A 95 -0.06 2.23 3.97
CA GLU A 95 0.35 3.34 3.11
C GLU A 95 1.04 2.83 1.85
N VAL A 96 1.84 1.78 2.00
CA VAL A 96 2.52 1.16 0.87
C VAL A 96 1.54 0.53 -0.10
N VAL A 97 0.56 -0.20 0.43
CA VAL A 97 -0.46 -0.83 -0.39
C VAL A 97 -1.24 0.23 -1.18
N LEU A 98 -1.59 1.32 -0.51
CA LEU A 98 -2.27 2.44 -1.16
C LEU A 98 -1.49 3.04 -2.33
N VAL A 99 -0.17 3.13 -2.21
CA VAL A 99 0.69 3.59 -3.30
C VAL A 99 0.78 2.52 -4.39
N ARG A 100 1.06 1.28 -3.99
CA ARG A 100 1.08 0.16 -4.93
C ARG A 100 -0.21 0.06 -5.75
N MET A 101 -1.33 0.45 -5.15
CA MET A 101 -2.64 0.32 -5.76
C MET A 101 -2.83 1.06 -7.09
N CYS A 102 -2.04 2.12 -7.33
CA CYS A 102 -2.16 2.88 -8.59
C CYS A 102 -1.79 2.03 -9.80
N ARG A 103 -1.02 0.97 -9.58
CA ARG A 103 -0.66 0.02 -10.63
C ARG A 103 -1.86 -0.74 -11.19
N ALA A 104 -2.86 -0.95 -10.33
CA ALA A 104 -4.05 -1.71 -10.66
C ALA A 104 -5.23 -0.78 -10.97
N TYR A 105 -4.94 0.51 -11.06
CA TYR A 105 -5.94 1.53 -11.35
C TYR A 105 -5.86 1.98 -12.81
N ASN A 106 -7.02 2.11 -13.46
CA ASN A 106 -7.11 2.56 -14.84
C ASN A 106 -7.69 3.98 -14.89
N ALA A 107 -6.80 4.95 -15.09
CA ALA A 107 -7.18 6.36 -15.17
C ALA A 107 -8.15 6.69 -16.30
N ASP A 108 -8.07 5.95 -17.40
CA ASP A 108 -8.88 6.22 -18.58
C ASP A 108 -10.38 6.03 -18.35
N ASN A 109 -10.75 5.04 -17.53
CA ASN A 109 -12.16 4.80 -17.19
C ASN A 109 -12.45 4.75 -15.68
N ARG A 110 -11.46 5.12 -14.86
CA ARG A 110 -11.60 5.24 -13.41
C ARG A 110 -12.04 3.93 -12.75
N THR A 111 -11.34 2.85 -13.06
CA THR A 111 -11.63 1.55 -12.47
C THR A 111 -10.37 1.01 -11.81
N VAL A 112 -10.58 0.02 -10.94
CA VAL A 112 -9.51 -0.63 -10.20
C VAL A 112 -9.72 -2.13 -10.27
N PHE A 113 -8.61 -2.87 -10.28
CA PHE A 113 -8.64 -4.33 -10.34
C PHE A 113 -9.07 -4.87 -8.99
N PHE A 114 -10.16 -5.65 -8.98
CA PHE A 114 -10.72 -6.22 -7.76
C PHE A 114 -11.44 -7.52 -8.09
N GLU A 115 -10.95 -8.64 -7.55
CA GLU A 115 -11.54 -9.97 -7.78
C GLU A 115 -11.71 -10.30 -9.27
N GLY A 116 -10.62 -10.18 -10.01
CA GLY A 116 -10.53 -10.71 -11.37
C GLY A 116 -10.89 -9.77 -12.50
N LYS A 117 -11.52 -8.63 -12.17
CA LYS A 117 -11.93 -7.68 -13.18
C LYS A 117 -11.81 -6.24 -12.67
N TYR A 118 -11.98 -5.29 -13.58
CA TYR A 118 -11.94 -3.87 -13.27
C TYR A 118 -13.34 -3.32 -13.03
N GLY A 119 -13.48 -2.55 -11.95
CA GLY A 119 -14.73 -1.90 -11.61
C GLY A 119 -14.51 -0.51 -11.04
N GLY A 120 -15.51 0.36 -11.20
CA GLY A 120 -15.47 1.72 -10.68
C GLY A 120 -15.85 1.76 -9.22
N MET A 121 -15.87 2.94 -8.62
CA MET A 121 -16.16 3.07 -7.19
C MET A 121 -17.60 2.65 -6.82
N GLU A 122 -18.50 2.60 -7.79
CA GLU A 122 -19.88 2.14 -7.53
C GLU A 122 -19.90 0.67 -7.12
N LEU A 123 -18.87 -0.08 -7.47
CA LEU A 123 -18.75 -1.50 -7.09
C LEU A 123 -18.79 -1.69 -5.57
N PHE A 124 -18.35 -0.68 -4.83
CA PHE A 124 -18.14 -0.77 -3.38
C PHE A 124 -19.22 -0.10 -2.55
N ARG A 125 -20.36 0.19 -3.17
CA ARG A 125 -21.41 0.98 -2.52
C ARG A 125 -22.00 0.30 -1.28
N ALA A 126 -21.95 -1.03 -1.25
CA ALA A 126 -22.48 -1.78 -0.10
C ALA A 126 -21.67 -1.57 1.18
N LEU A 127 -20.40 -1.15 1.06
CA LEU A 127 -19.55 -0.90 2.23
C LEU A 127 -20.11 0.18 3.16
N GLY A 128 -20.81 1.15 2.59
CA GLY A 128 -21.29 2.29 3.35
C GLY A 128 -20.16 3.16 3.86
N CYS A 129 -19.18 3.43 3.00
CA CYS A 129 -18.10 4.37 3.30
C CYS A 129 -17.66 5.05 2.01
N SER A 130 -18.58 5.80 1.42
CA SER A 130 -18.38 6.40 0.10
C SER A 130 -17.27 7.45 0.09
N GLU A 131 -17.12 8.16 1.20
CA GLU A 131 -16.06 9.15 1.34
C GLU A 131 -14.68 8.50 1.30
N LEU A 132 -14.52 7.40 2.03
CA LEU A 132 -13.28 6.66 2.04
C LEU A 132 -12.97 6.15 0.62
N ILE A 133 -13.95 5.51 0.00
CA ILE A 133 -13.77 4.90 -1.31
C ILE A 133 -13.34 5.94 -2.35
N SER A 134 -14.07 7.06 -2.45
CA SER A 134 -13.72 8.07 -3.45
C SER A 134 -12.37 8.76 -3.17
N SER A 135 -12.00 8.86 -1.90
CA SER A 135 -10.66 9.37 -1.54
C SER A 135 -9.55 8.45 -2.03
N ILE A 136 -9.74 7.14 -1.86
CA ILE A 136 -8.74 6.18 -2.37
C ILE A 136 -8.67 6.25 -3.90
N PHE A 137 -9.83 6.32 -4.54
CA PHE A 137 -9.88 6.48 -6.00
C PHE A 137 -9.19 7.77 -6.45
N ASP A 138 -9.49 8.88 -5.78
CA ASP A 138 -8.86 10.17 -6.10
C ASP A 138 -7.35 10.09 -5.90
N PHE A 139 -6.93 9.51 -4.77
CA PHE A 139 -5.50 9.33 -4.49
C PHE A 139 -4.82 8.53 -5.61
N SER A 140 -5.47 7.45 -6.02
CA SER A 140 -4.95 6.61 -7.10
C SER A 140 -4.90 7.35 -8.42
N HIS A 141 -5.90 8.20 -8.66
CA HIS A 141 -5.95 9.02 -9.87
C HIS A 141 -4.78 10.00 -9.90
N SER A 142 -4.48 10.62 -8.76
CA SER A 142 -3.39 11.58 -8.67
C SER A 142 -2.03 10.90 -8.87
N LEU A 143 -1.86 9.71 -8.32
CA LEU A 143 -0.62 8.93 -8.54
C LEU A 143 -0.46 8.47 -9.98
N SER A 144 -1.58 8.17 -10.64
CA SER A 144 -1.54 7.70 -12.03
C SER A 144 -1.04 8.80 -12.98
N ALA A 145 -1.33 10.05 -12.65
CA ALA A 145 -0.88 11.18 -13.46
C ALA A 145 0.65 11.38 -13.43
N LEU A 146 1.34 10.72 -12.50
CA LEU A 146 2.81 10.77 -12.44
C LEU A 146 3.48 9.76 -13.36
N HIS A 147 2.73 8.75 -13.79
CA HIS A 147 3.27 7.70 -14.65
C HIS A 147 4.49 7.02 -14.03
N PHE A 148 4.35 6.57 -12.80
CA PHE A 148 5.41 5.84 -12.12
C PHE A 148 5.90 4.64 -12.92
N SER A 149 7.22 4.55 -13.07
CA SER A 149 7.85 3.29 -13.45
C SER A 149 7.84 2.39 -12.24
N GLU A 150 8.08 1.10 -12.45
CA GLU A 150 8.14 0.13 -11.36
C GLU A 150 9.28 0.42 -10.40
N ASP A 151 10.43 0.81 -10.96
CA ASP A 151 11.60 1.15 -10.16
C ASP A 151 11.31 2.35 -9.25
N GLU A 152 10.59 3.35 -9.77
CA GLU A 152 10.21 4.51 -8.97
C GLU A 152 9.28 4.12 -7.82
N ILE A 153 8.36 3.20 -8.08
CA ILE A 153 7.46 2.71 -7.04
C ILE A 153 8.25 1.95 -5.97
N ALA A 154 9.20 1.14 -6.42
CA ALA A 154 10.10 0.42 -5.51
C ALA A 154 10.79 1.37 -4.55
N LEU A 155 11.41 2.40 -5.10
CA LEU A 155 12.19 3.34 -4.30
C LEU A 155 11.32 4.22 -3.39
N TYR A 156 10.20 4.70 -3.93
CA TYR A 156 9.27 5.55 -3.19
C TYR A 156 8.61 4.77 -2.06
N THR A 157 8.16 3.55 -2.34
CA THR A 157 7.52 2.72 -1.31
C THR A 157 8.53 2.31 -0.22
N ALA A 158 9.81 2.16 -0.57
CA ALA A 158 10.83 1.91 0.45
C ALA A 158 10.86 3.07 1.44
N LEU A 159 10.82 4.30 0.93
CA LEU A 159 10.82 5.48 1.77
C LEU A 159 9.52 5.67 2.55
N VAL A 160 8.38 5.29 1.98
CA VAL A 160 7.11 5.32 2.71
C VAL A 160 7.22 4.46 3.96
N LEU A 161 7.85 3.29 3.82
CA LEU A 161 8.02 2.37 4.94
C LEU A 161 9.08 2.85 5.94
N ILE A 162 10.26 3.20 5.45
CA ILE A 162 11.37 3.61 6.31
C ILE A 162 11.26 5.11 6.63
N ASN A 163 10.47 5.38 7.67
CA ASN A 163 10.14 6.73 8.10
C ASN A 163 10.55 6.88 9.56
N ALA A 164 11.59 7.67 9.82
CA ALA A 164 12.12 7.86 11.18
C ALA A 164 11.24 8.69 12.12
N HIS A 165 10.17 9.29 11.61
CA HIS A 165 9.23 10.06 12.45
C HIS A 165 8.16 9.21 13.13
N ARG A 166 8.04 7.94 12.76
CA ARG A 166 6.98 7.10 13.33
C ARG A 166 7.12 7.08 14.85
N PRO A 167 6.05 7.42 15.58
CA PRO A 167 6.13 7.31 17.03
C PRO A 167 6.34 5.86 17.48
N GLY A 168 7.15 5.70 18.52
CA GLY A 168 7.37 4.39 19.14
C GLY A 168 8.69 3.75 18.80
N LEU A 169 9.48 4.43 17.96
CA LEU A 169 10.77 3.91 17.53
C LEU A 169 11.78 4.02 18.67
N GLN A 170 12.49 2.94 18.93
CA GLN A 170 13.49 2.89 19.98
C GLN A 170 14.87 3.30 19.47
N GLU A 171 15.20 2.93 18.24
CA GLU A 171 16.47 3.25 17.61
C GLU A 171 16.25 4.27 16.48
N LYS A 172 15.81 5.47 16.88
CA LYS A 172 15.42 6.51 15.94
C LYS A 172 16.54 6.88 14.97
N ARG A 173 17.74 7.10 15.50
CA ARG A 173 18.88 7.51 14.68
C ARG A 173 19.27 6.47 13.63
N LYS A 174 19.15 5.18 13.99
CA LYS A 174 19.44 4.10 13.07
C LYS A 174 18.44 4.07 11.90
N VAL A 175 17.18 4.37 12.20
CA VAL A 175 16.15 4.50 11.17
C VAL A 175 16.36 5.75 10.32
N GLU A 176 16.84 6.83 10.95
CA GLU A 176 17.23 8.05 10.22
C GLU A 176 18.33 7.77 9.19
N GLN A 177 19.33 6.99 9.58
CA GLN A 177 20.46 6.69 8.69
C GLN A 177 20.01 5.90 7.47
N LEU A 178 19.22 4.84 7.70
CA LEU A 178 18.64 4.05 6.62
C LEU A 178 17.72 4.88 5.73
N GLN A 179 16.86 5.70 6.33
CA GLN A 179 15.99 6.60 5.57
C GLN A 179 16.80 7.49 4.63
N TYR A 180 17.85 8.09 5.16
CA TYR A 180 18.70 9.01 4.41
C TYR A 180 19.35 8.35 3.19
N ASN A 181 19.84 7.11 3.37
CA ASN A 181 20.47 6.37 2.27
C ASN A 181 19.47 5.99 1.17
N LEU A 182 18.25 5.64 1.58
CA LEU A 182 17.17 5.36 0.64
C LEU A 182 16.68 6.61 -0.09
N GLU A 183 16.70 7.74 0.58
CA GLU A 183 16.41 9.03 -0.07
C GLU A 183 17.44 9.34 -1.15
N LEU A 184 18.73 9.18 -0.80
CA LEU A 184 19.81 9.35 -1.77
C LEU A 184 19.63 8.43 -2.97
N ALA A 185 19.28 7.18 -2.72
CA ALA A 185 19.06 6.19 -3.78
C ALA A 185 17.89 6.59 -4.68
N PHE A 186 16.78 6.96 -4.06
CA PHE A 186 15.60 7.42 -4.79
C PHE A 186 15.95 8.65 -5.64
N HIS A 187 16.55 9.65 -5.00
CA HIS A 187 16.83 10.92 -5.68
C HIS A 187 17.95 10.78 -6.72
N HIS A 188 18.93 9.93 -6.44
CA HIS A 188 19.97 9.62 -7.42
C HIS A 188 19.35 8.99 -8.68
N HIS A 189 18.43 8.05 -8.47
CA HIS A 189 17.75 7.40 -9.58
C HIS A 189 16.90 8.39 -10.37
N LEU A 190 16.21 9.28 -9.67
CA LEU A 190 15.43 10.33 -10.35
C LEU A 190 16.32 11.27 -11.17
N CYS A 191 17.45 11.68 -10.59
CA CYS A 191 18.43 12.52 -11.28
C CYS A 191 18.95 11.83 -12.54
N LYS A 192 19.38 10.58 -12.41
CA LYS A 192 19.91 9.79 -13.53
C LYS A 192 18.92 9.67 -14.69
N THR A 193 17.64 9.52 -14.35
CA THR A 193 16.60 9.26 -15.35
C THR A 193 15.80 10.52 -15.72
N HIS A 194 16.29 11.68 -15.27
CA HIS A 194 15.72 12.99 -15.64
C HIS A 194 14.26 13.09 -15.21
N ARG A 195 13.98 12.63 -13.99
CA ARG A 195 12.62 12.54 -13.49
C ARG A 195 12.43 13.27 -12.16
N GLN A 196 13.33 14.18 -11.82
CA GLN A 196 13.22 14.96 -10.58
C GLN A 196 12.03 15.90 -10.56
N SER A 197 11.38 16.08 -11.71
CA SER A 197 10.13 16.85 -11.77
C SER A 197 9.03 16.26 -10.87
N ILE A 198 9.06 14.94 -10.63
CA ILE A 198 8.01 14.29 -9.83
C ILE A 198 8.10 14.60 -8.33
N LEU A 199 9.25 15.06 -7.85
CA LEU A 199 9.45 15.30 -6.41
C LEU A 199 8.41 16.23 -5.80
N ALA A 200 8.13 17.33 -6.50
CA ALA A 200 7.17 18.32 -6.03
C ALA A 200 5.72 17.86 -6.20
N LYS A 201 5.51 16.80 -6.98
CA LYS A 201 4.17 16.28 -7.26
C LYS A 201 3.80 15.07 -6.40
N LEU A 202 4.77 14.49 -5.70
CA LEU A 202 4.48 13.41 -4.75
C LEU A 202 3.51 13.93 -3.69
N PRO A 203 2.57 13.09 -3.25
CA PRO A 203 1.58 13.55 -2.27
C PRO A 203 2.24 13.81 -0.91
N PRO A 204 1.74 14.80 -0.17
CA PRO A 204 2.29 14.97 1.19
C PRO A 204 1.99 13.76 2.09
N LYS A 205 2.82 13.56 3.11
CA LYS A 205 2.64 12.47 4.06
C LYS A 205 1.29 12.55 4.77
N GLY A 206 0.79 13.77 4.95
CA GLY A 206 -0.51 14.00 5.59
C GLY A 206 -1.67 13.44 4.80
N LYS A 207 -1.51 13.36 3.47
CA LYS A 207 -2.51 12.73 2.62
C LYS A 207 -2.59 11.22 2.88
N LEU A 208 -1.42 10.56 2.93
CA LEU A 208 -1.36 9.14 3.20
C LEU A 208 -1.89 8.82 4.60
N ARG A 209 -1.53 9.67 5.57
CA ARG A 209 -2.02 9.56 6.94
C ARG A 209 -3.54 9.71 7.02
N SER A 210 -4.06 10.68 6.27
CA SER A 210 -5.51 10.92 6.21
C SER A 210 -6.30 9.71 5.68
N LEU A 211 -5.78 9.06 4.64
CA LEU A 211 -6.39 7.86 4.09
C LEU A 211 -6.39 6.71 5.10
N CYS A 212 -5.27 6.50 5.77
CA CYS A 212 -5.17 5.47 6.79
C CYS A 212 -6.11 5.73 7.98
N SER A 213 -6.21 6.99 8.41
CA SER A 213 -7.10 7.35 9.52
C SER A 213 -8.55 7.11 9.16
N GLN A 214 -8.97 7.58 7.99
CA GLN A 214 -10.32 7.31 7.47
C GLN A 214 -10.64 5.83 7.44
N HIS A 215 -9.69 5.03 6.95
CA HIS A 215 -9.86 3.58 6.89
C HIS A 215 -10.12 3.01 8.29
N VAL A 216 -9.29 3.41 9.25
CA VAL A 216 -9.46 2.96 10.64
C VAL A 216 -10.80 3.44 11.21
N GLU A 217 -11.18 4.70 10.91
CA GLU A 217 -12.45 5.26 11.39
C GLU A 217 -13.66 4.49 10.86
N ARG A 218 -13.66 4.21 9.56
CA ARG A 218 -14.77 3.49 8.93
C ARG A 218 -14.84 2.03 9.37
N LEU A 219 -13.68 1.43 9.65
CA LEU A 219 -13.63 0.09 10.25
C LEU A 219 -14.29 0.08 11.62
N GLN A 220 -13.97 1.11 12.42
CA GLN A 220 -14.53 1.24 13.77
C GLN A 220 -16.06 1.34 13.73
N ILE A 221 -16.57 2.19 12.85
CA ILE A 221 -18.02 2.31 12.64
C ILE A 221 -18.63 0.96 12.27
N PHE A 222 -18.00 0.25 11.32
CA PHE A 222 -18.49 -1.06 10.89
C PHE A 222 -18.43 -2.12 12.00
N GLN A 223 -17.33 -2.13 12.75
CA GLN A 223 -17.12 -3.11 13.84
C GLN A 223 -18.13 -2.93 14.97
N HIS A 224 -18.56 -1.70 15.21
CA HIS A 224 -19.63 -1.43 16.19
C HIS A 224 -20.97 -2.00 15.72
N LEU A 225 -21.19 -2.03 14.41
CA LEU A 225 -22.41 -2.58 13.83
C LEU A 225 -22.41 -4.11 13.75
N HIS A 226 -21.24 -4.70 13.53
CA HIS A 226 -21.12 -6.15 13.35
C HIS A 226 -19.88 -6.70 14.07
N PRO A 227 -19.88 -6.66 15.42
CA PRO A 227 -18.68 -7.05 16.15
C PRO A 227 -18.28 -8.52 15.99
N ILE A 228 -19.26 -9.42 15.88
CA ILE A 228 -18.96 -10.84 15.81
C ILE A 228 -18.41 -11.20 14.43
N VAL A 229 -18.81 -10.46 13.41
CA VAL A 229 -18.25 -10.65 12.06
C VAL A 229 -16.76 -10.34 12.06
N VAL A 230 -16.35 -9.25 12.72
CA VAL A 230 -14.94 -8.90 12.79
C VAL A 230 -14.18 -9.94 13.60
N GLN A 231 -14.69 -10.25 14.79
CA GLN A 231 -14.07 -11.26 15.64
C GLN A 231 -13.98 -12.62 14.92
N ALA A 232 -15.08 -13.02 14.29
CA ALA A 232 -15.21 -14.37 13.74
C ALA A 232 -14.67 -14.53 12.32
N ALA A 233 -14.72 -13.48 11.50
CA ALA A 233 -14.49 -13.64 10.06
C ALA A 233 -13.52 -12.66 9.39
N PHE A 234 -12.86 -11.81 10.17
CA PHE A 234 -11.82 -10.94 9.61
C PHE A 234 -10.47 -11.62 9.81
N PRO A 235 -9.52 -11.40 8.87
CA PRO A 235 -8.20 -11.97 9.04
C PRO A 235 -7.53 -11.42 10.29
N PRO A 236 -6.85 -12.29 11.07
CA PRO A 236 -6.13 -11.86 12.26
C PRO A 236 -5.09 -10.75 12.01
N LEU A 237 -4.33 -10.84 10.92
CA LEU A 237 -3.33 -9.79 10.64
C LEU A 237 -4.01 -8.42 10.49
N TYR A 238 -5.16 -8.40 9.83
CA TYR A 238 -5.93 -7.17 9.63
C TYR A 238 -6.33 -6.55 10.96
N LYS A 239 -6.85 -7.37 11.87
CA LYS A 239 -7.29 -6.87 13.17
C LYS A 239 -6.10 -6.37 13.99
N GLU A 240 -4.99 -7.08 13.92
CA GLU A 240 -3.75 -6.65 14.57
C GLU A 240 -3.28 -5.27 14.08
N LEU A 241 -3.33 -5.03 12.78
CA LEU A 241 -2.91 -3.72 12.24
C LEU A 241 -3.94 -2.61 12.44
N PHE A 242 -5.22 -2.93 12.39
CA PHE A 242 -6.26 -1.89 12.28
C PHE A 242 -7.30 -1.79 13.41
N SER A 243 -7.41 -2.79 14.29
CA SER A 243 -8.41 -2.76 15.38
C SER A 243 -7.81 -2.18 16.67
N LYS B 1 1.12 -10.52 17.31
CA LYS B 1 1.32 -12.01 17.25
C LYS B 1 1.56 -12.52 15.83
N ILE B 2 0.68 -12.15 14.89
CA ILE B 2 0.82 -12.62 13.50
C ILE B 2 2.00 -11.96 12.81
N LEU B 3 2.11 -10.65 13.00
CA LEU B 3 3.20 -9.87 12.43
C LEU B 3 4.56 -10.38 12.94
N HIS B 4 4.62 -10.69 14.23
CA HIS B 4 5.82 -11.27 14.85
C HIS B 4 6.19 -12.59 14.16
N ARG B 5 5.19 -13.43 13.91
CA ARG B 5 5.40 -14.72 13.26
C ARG B 5 5.93 -14.56 11.84
N LEU B 6 5.32 -13.65 11.07
CA LEU B 6 5.76 -13.39 9.70
C LEU B 6 7.22 -12.90 9.61
N LEU B 7 7.64 -12.09 10.58
CA LEU B 7 9.00 -11.54 10.59
C LEU B 7 10.07 -12.55 11.01
N GLN B 8 9.76 -13.39 12.00
CA GLN B 8 10.74 -14.34 12.56
C GLN B 8 11.18 -15.40 11.54
#